data_5C7C
#
_entry.id   5C7C
#
_cell.length_a   70.696
_cell.length_b   70.696
_cell.length_c   106.325
_cell.angle_alpha   90.00
_cell.angle_beta   90.00
_cell.angle_gamma   90.00
#
_symmetry.space_group_name_H-M   'P 41 2 2'
#
loop_
_entity.id
_entity.type
_entity.pdbx_description
1 polymer 'E3 ubiquitin-protein ligase XIAP'
2 non-polymer 'ZINC ION'
3 non-polymer (2R)-4-[2-(6-chloro-3,3-dimethyl-2,3-dihydro-1H-indol-1-yl)-2-oxoethyl]-2-methylpiperazin-1-ium
4 water water
#
_entity_poly.entity_id   1
_entity_poly.type   'polypeptide(L)'
_entity_poly.pdbx_seq_one_letter_code
;GSHMNFPNSTNLPRNPSMADYEARIFTFGTWIYSVNKEQLARAGFYALGEGDKVKCFHCGGGLTDWKPSEDPWEQHAKWY
PGCKYLLEQKGQEYINNIHLTHSLEECLVR
;
_entity_poly.pdbx_strand_id   A
#
loop_
_chem_comp.id
_chem_comp.type
_chem_comp.name
_chem_comp.formula
4YC non-polymer (2R)-4-[2-(6-chloro-3,3-dimethyl-2,3-dihydro-1H-indol-1-yl)-2-oxoethyl]-2-methylpiperazin-1-ium 'C17 H25 Cl N3 O 1'
ZN non-polymer 'ZINC ION' 'Zn 2'
#
# COMPACT_ATOMS: atom_id res chain seq x y z
N MET A 4 -3.49 -11.68 11.93
CA MET A 4 -2.75 -11.40 10.66
C MET A 4 -1.40 -10.69 10.89
N ASN A 5 -1.06 -10.46 12.16
CA ASN A 5 0.06 -9.57 12.59
C ASN A 5 -0.37 -8.09 12.61
N PHE A 6 -0.12 -7.41 13.73
CA PHE A 6 -0.57 -6.02 13.89
C PHE A 6 0.20 -5.04 12.99
N PRO A 7 -0.47 -3.95 12.55
CA PRO A 7 0.22 -2.99 11.67
C PRO A 7 1.24 -2.12 12.42
N ASN A 8 2.40 -1.89 11.83
CA ASN A 8 3.39 -0.99 12.47
C ASN A 8 2.99 0.48 12.30
N SER A 9 2.78 1.13 13.42
CA SER A 9 2.44 2.56 13.45
C SER A 9 3.52 3.44 14.04
N THR A 10 4.73 2.90 14.25
CA THR A 10 5.86 3.74 14.68
C THR A 10 6.47 4.40 13.46
N ASN A 11 7.38 5.35 13.70
CA ASN A 11 8.13 6.03 12.64
C ASN A 11 9.27 5.20 12.08
N LEU A 12 9.47 3.99 12.62
CA LEU A 12 10.51 3.09 12.17
C LEU A 12 9.95 1.99 11.27
N PRO A 13 10.54 1.82 10.05
CA PRO A 13 10.03 0.82 9.11
C PRO A 13 10.20 -0.57 9.68
N ARG A 14 9.18 -1.42 9.47
CA ARG A 14 9.26 -2.80 9.89
C ARG A 14 10.30 -3.59 9.07
N ASN A 15 10.40 -3.28 7.78
CA ASN A 15 11.39 -3.89 6.91
C ASN A 15 12.36 -2.86 6.31
N PRO A 16 13.38 -2.43 7.09
CA PRO A 16 14.35 -1.44 6.55
C PRO A 16 15.15 -1.89 5.30
N SER A 17 15.33 -3.19 5.07
CA SER A 17 16.00 -3.68 3.84
C SER A 17 15.22 -3.34 2.55
N MET A 18 13.93 -3.03 2.71
CA MET A 18 13.04 -2.65 1.62
C MET A 18 12.67 -1.15 1.64
N ALA A 19 13.46 -0.34 2.36
CA ALA A 19 13.23 1.11 2.45
C ALA A 19 13.52 1.86 1.14
N ASP A 20 14.40 1.32 0.31
CA ASP A 20 14.78 1.98 -0.94
C ASP A 20 13.84 1.59 -2.06
N TYR A 21 13.44 2.59 -2.83
CA TYR A 21 12.60 2.33 -4.00
C TYR A 21 13.21 1.21 -4.86
N GLU A 22 14.51 1.34 -5.15
CA GLU A 22 15.26 0.37 -5.95
C GLU A 22 15.14 -1.06 -5.45
N ALA A 23 15.30 -1.25 -4.14
CA ALA A 23 15.20 -2.56 -3.51
C ALA A 23 13.83 -3.21 -3.75
N ARG A 24 12.78 -2.42 -3.58
CA ARG A 24 11.40 -2.90 -3.74
C ARG A 24 11.13 -3.30 -5.18
N ILE A 25 11.63 -2.49 -6.12
CA ILE A 25 11.37 -2.70 -7.53
C ILE A 25 11.84 -4.10 -8.00
N PHE A 26 13.01 -4.55 -7.53
CA PHE A 26 13.52 -5.89 -7.85
C PHE A 26 12.61 -7.05 -7.41
N THR A 27 11.83 -6.86 -6.34
CA THR A 27 11.02 -7.96 -5.79
C THR A 27 9.94 -8.46 -6.79
N PHE A 28 9.50 -7.57 -7.67
CA PHE A 28 8.42 -7.89 -8.64
C PHE A 28 8.84 -8.83 -9.78
N GLY A 29 10.01 -8.59 -10.34
CA GLY A 29 10.41 -9.26 -11.58
C GLY A 29 9.46 -8.89 -12.70
N THR A 30 9.21 -9.83 -13.61
CA THR A 30 8.17 -9.68 -14.61
C THR A 30 6.84 -9.80 -13.90
N TRP A 31 5.98 -8.81 -14.15
CA TRP A 31 4.77 -8.59 -13.37
C TRP A 31 3.62 -8.42 -14.36
N ILE A 32 2.71 -9.39 -14.41
CA ILE A 32 1.65 -9.43 -15.42
C ILE A 32 0.34 -8.80 -14.92
N TYR A 33 0.31 -8.46 -13.64
CA TYR A 33 -0.91 -8.05 -12.96
C TYR A 33 -1.40 -6.66 -13.38
N SER A 34 -2.73 -6.49 -13.32
CA SER A 34 -3.48 -5.28 -13.72
C SER A 34 -2.94 -3.99 -13.06
N VAL A 35 -2.36 -4.15 -11.88
CA VAL A 35 -1.85 -3.00 -11.18
C VAL A 35 -0.32 -2.83 -11.39
N ASN A 36 0.08 -1.57 -11.53
CA ASN A 36 1.39 -1.16 -12.01
C ASN A 36 2.48 -1.29 -10.92
N LYS A 37 3.58 -1.98 -11.26
CA LYS A 37 4.63 -2.28 -10.26
C LYS A 37 5.39 -1.06 -9.75
N GLU A 38 5.67 -0.11 -10.64
CA GLU A 38 6.35 1.13 -10.24
C GLU A 38 5.48 2.00 -9.31
N GLN A 39 4.17 2.10 -9.59
CA GLN A 39 3.18 2.74 -8.70
C GLN A 39 3.13 2.05 -7.32
N LEU A 40 3.19 0.72 -7.33
CA LEU A 40 3.22 -0.07 -6.10
C LEU A 40 4.47 0.20 -5.28
N ALA A 41 5.63 0.21 -5.95
CA ALA A 41 6.90 0.46 -5.27
C ALA A 41 6.92 1.87 -4.69
N ARG A 42 6.39 2.85 -5.45
CA ARG A 42 6.28 4.22 -4.98
C ARG A 42 5.39 4.35 -3.75
N ALA A 43 4.31 3.58 -3.71
CA ALA A 43 3.40 3.54 -2.57
C ALA A 43 3.92 2.69 -1.38
N GLY A 44 5.17 2.22 -1.49
CA GLY A 44 5.91 1.57 -0.39
C GLY A 44 5.91 0.05 -0.42
N PHE A 45 5.30 -0.51 -1.46
CA PHE A 45 5.07 -1.93 -1.56
C PHE A 45 6.18 -2.68 -2.29
N TYR A 46 6.42 -3.90 -1.83
CA TYR A 46 7.32 -4.83 -2.50
C TYR A 46 6.56 -6.14 -2.60
N ALA A 47 6.92 -6.95 -3.60
CA ALA A 47 6.23 -8.19 -3.90
C ALA A 47 6.77 -9.36 -3.06
N LEU A 48 5.87 -10.26 -2.71
CA LEU A 48 6.24 -11.45 -1.91
C LEU A 48 6.45 -12.72 -2.75
N GLY A 49 6.22 -12.65 -4.06
CA GLY A 49 6.24 -13.81 -4.93
C GLY A 49 5.05 -14.75 -4.70
N GLU A 50 3.94 -14.20 -4.18
CA GLU A 50 2.73 -14.98 -3.89
C GLU A 50 1.59 -14.34 -4.68
N GLY A 51 1.55 -14.64 -5.98
CA GLY A 51 0.65 -13.93 -6.89
C GLY A 51 0.88 -12.43 -6.85
N ASP A 52 -0.20 -11.67 -6.63
CA ASP A 52 -0.11 -10.21 -6.57
C ASP A 52 -0.09 -9.68 -5.13
N LYS A 53 0.23 -10.55 -4.17
CA LYS A 53 0.42 -10.11 -2.76
C LYS A 53 1.65 -9.23 -2.64
N VAL A 54 1.44 -8.06 -2.06
CA VAL A 54 2.51 -7.11 -1.71
C VAL A 54 2.43 -6.76 -0.22
N LYS A 55 3.56 -6.30 0.35
CA LYS A 55 3.62 -5.78 1.74
C LYS A 55 4.26 -4.41 1.71
N CYS A 56 3.82 -3.52 2.60
CA CYS A 56 4.48 -2.24 2.79
C CYS A 56 5.76 -2.46 3.59
N PHE A 57 6.87 -1.88 3.14
CA PHE A 57 8.15 -1.93 3.86
C PHE A 57 8.01 -1.33 5.26
N HIS A 58 7.12 -0.35 5.39
CA HIS A 58 7.05 0.40 6.63
C HIS A 58 6.08 -0.16 7.65
N CYS A 59 4.78 -0.16 7.30
CA CYS A 59 3.74 -0.64 8.20
C CYS A 59 3.68 -2.16 8.26
N GLY A 60 4.23 -2.84 7.24
CA GLY A 60 4.15 -4.29 7.16
C GLY A 60 2.84 -4.76 6.55
N GLY A 61 1.94 -3.81 6.23
CA GLY A 61 0.61 -4.17 5.77
C GLY A 61 0.58 -4.85 4.42
N GLY A 62 -0.12 -5.99 4.39
CA GLY A 62 -0.29 -6.79 3.19
C GLY A 62 -1.56 -6.49 2.44
N LEU A 63 -1.45 -6.56 1.11
CA LEU A 63 -2.56 -6.37 0.18
C LEU A 63 -2.47 -7.39 -0.93
N THR A 64 -3.64 -7.87 -1.38
CA THR A 64 -3.73 -8.94 -2.37
C THR A 64 -4.95 -8.74 -3.30
N ASP A 65 -5.02 -9.55 -4.36
CA ASP A 65 -6.16 -9.60 -5.31
C ASP A 65 -6.52 -8.24 -5.89
N TRP A 66 -5.55 -7.64 -6.57
CA TRP A 66 -5.69 -6.30 -7.15
C TRP A 66 -6.60 -6.31 -8.37
N LYS A 67 -7.66 -5.51 -8.30
CA LYS A 67 -8.55 -5.24 -9.41
C LYS A 67 -7.97 -4.04 -10.20
N PRO A 68 -8.34 -3.87 -11.49
CA PRO A 68 -7.83 -2.71 -12.25
C PRO A 68 -8.18 -1.33 -11.64
N SER A 69 -9.36 -1.24 -11.04
CA SER A 69 -9.86 -0.02 -10.40
C SER A 69 -9.26 0.31 -9.01
N GLU A 70 -8.38 -0.55 -8.51
CA GLU A 70 -7.82 -0.38 -7.16
C GLU A 70 -6.44 0.27 -7.19
N ASP A 71 -6.34 1.47 -6.61
CA ASP A 71 -5.12 2.28 -6.59
C ASP A 71 -4.20 1.89 -5.42
N PRO A 72 -2.89 1.70 -5.66
CA PRO A 72 -1.91 1.43 -4.57
C PRO A 72 -2.00 2.37 -3.36
N TRP A 73 -1.93 3.67 -3.57
CA TRP A 73 -1.95 4.63 -2.47
C TRP A 73 -3.26 4.62 -1.72
N GLU A 74 -4.36 4.57 -2.47
CA GLU A 74 -5.71 4.51 -1.94
C GLU A 74 -5.93 3.27 -1.05
N GLN A 75 -5.49 2.11 -1.53
CA GLN A 75 -5.57 0.86 -0.78
C GLN A 75 -4.72 0.93 0.49
N HIS A 76 -3.54 1.52 0.38
CA HIS A 76 -2.60 1.70 1.50
C HIS A 76 -3.31 2.44 2.63
N ALA A 77 -3.96 3.56 2.27
CA ALA A 77 -4.74 4.38 3.19
C ALA A 77 -5.97 3.67 3.70
N LYS A 78 -6.62 2.89 2.83
CA LYS A 78 -7.86 2.21 3.21
C LYS A 78 -7.58 1.24 4.36
N TRP A 79 -6.61 0.36 4.14
CA TRP A 79 -6.36 -0.74 5.07
C TRP A 79 -5.31 -0.44 6.15
N TYR A 80 -4.35 0.46 5.85
CA TYR A 80 -3.26 0.81 6.79
C TYR A 80 -3.16 2.31 7.08
N PRO A 81 -4.26 2.91 7.61
CA PRO A 81 -4.27 4.35 7.82
C PRO A 81 -3.26 4.87 8.87
N GLY A 82 -2.69 3.97 9.69
CA GLY A 82 -1.71 4.38 10.73
C GLY A 82 -0.26 4.41 10.25
N CYS A 83 -0.04 4.04 8.99
CA CYS A 83 1.30 3.89 8.45
C CYS A 83 1.98 5.23 8.34
N LYS A 84 3.16 5.34 8.97
CA LYS A 84 3.90 6.60 9.01
C LYS A 84 4.52 6.99 7.67
N TYR A 85 4.91 6.01 6.87
CA TYR A 85 5.37 6.26 5.51
C TYR A 85 4.24 6.92 4.68
N LEU A 86 3.07 6.30 4.67
CA LEU A 86 1.87 6.87 4.06
C LEU A 86 1.62 8.33 4.47
N LEU A 87 1.59 8.58 5.78
CA LEU A 87 1.44 9.96 6.32
C LEU A 87 2.52 10.90 5.82
N GLU A 88 3.77 10.42 5.76
CA GLU A 88 4.89 11.24 5.30
C GLU A 88 4.74 11.66 3.83
N GLN A 89 4.39 10.72 2.98
CA GLN A 89 4.41 10.88 1.54
C GLN A 89 3.19 11.61 1.03
N LYS A 90 2.04 11.29 1.60
CA LYS A 90 0.77 11.79 1.11
C LYS A 90 0.15 12.90 1.94
N GLY A 91 0.43 12.91 3.24
CA GLY A 91 -0.20 13.91 4.14
C GLY A 91 -1.56 13.47 4.65
N GLN A 92 -2.03 14.17 5.69
CA GLN A 92 -3.27 13.78 6.38
C GLN A 92 -4.53 14.19 5.57
N GLU A 93 -4.50 15.34 4.90
CA GLU A 93 -5.67 15.75 4.11
C GLU A 93 -5.96 14.84 2.88
N TYR A 94 -4.92 14.15 2.36
CA TYR A 94 -5.12 13.11 1.35
C TYR A 94 -5.76 11.90 2.00
N ILE A 95 -5.23 11.52 3.16
CA ILE A 95 -5.69 10.34 3.91
C ILE A 95 -7.18 10.48 4.30
N ASN A 96 -7.55 11.68 4.73
CA ASN A 96 -8.93 11.92 5.10
C ASN A 96 -9.88 11.82 3.90
N ASN A 97 -9.59 12.56 2.81
CA ASN A 97 -10.39 12.52 1.58
C ASN A 97 -10.63 11.06 1.19
N ILE A 98 -9.56 10.28 1.13
CA ILE A 98 -9.71 8.89 0.69
C ILE A 98 -10.58 8.03 1.65
N HIS A 99 -10.51 8.30 2.95
CA HIS A 99 -11.39 7.60 3.90
C HIS A 99 -12.82 8.00 3.78
N LEU A 100 -13.03 9.31 3.71
CA LEU A 100 -14.33 9.89 3.40
C LEU A 100 -14.90 9.30 2.12
N THR A 101 -14.06 9.14 1.09
CA THR A 101 -14.44 8.59 -0.21
C THR A 101 -14.90 7.14 -0.17
N HIS A 102 -14.13 6.28 0.51
CA HIS A 102 -14.47 4.86 0.55
C HIS A 102 -15.66 4.58 1.49
N SER A 103 -15.73 5.30 2.62
CA SER A 103 -16.93 5.30 3.48
C SER A 103 -18.20 5.73 2.72
N LEU A 104 -18.16 6.87 2.03
CA LEU A 104 -19.30 7.38 1.25
C LEU A 104 -19.64 6.48 0.05
N GLU A 105 -18.66 5.71 -0.42
CA GLU A 105 -18.88 4.69 -1.46
C GLU A 105 -19.68 3.55 -0.83
N GLU A 106 -19.30 3.21 0.41
CA GLU A 106 -19.95 2.20 1.24
C GLU A 106 -21.26 2.75 1.84
N CYS A 107 -22.08 3.34 0.96
CA CYS A 107 -23.37 3.94 1.28
C CYS A 107 -24.22 3.87 0.02
N LEU A 108 -23.66 4.35 -1.11
CA LEU A 108 -24.40 4.46 -2.40
C LEU A 108 -24.88 3.14 -3.02
N VAL A 109 -24.08 2.09 -2.88
CA VAL A 109 -24.44 0.72 -3.30
C VAL A 109 -25.65 0.14 -2.53
N ARG A 110 -25.71 0.40 -1.22
CA ARG A 110 -26.79 -0.11 -0.36
C ARG A 110 -27.99 0.85 -0.22
ZN ZN B . 2.56 1.28 5.05
C1 4YC C . -5.92 -4.37 -3.44
C2 4YC C . -7.16 -4.85 -2.70
C3 4YC C . -6.84 -5.27 -1.27
N4 4YC C . -8.03 -5.81 -0.58
C5 4YC C . -7.80 -6.06 0.86
C6 4YC C . -6.72 -7.08 1.20
C10 4YC C . -6.60 -7.21 4.92
C11 4YC C . -6.21 -6.23 6.02
C12 4YC C . -7.73 -8.09 5.44
C13 4YC C . -5.43 -8.05 4.44
C14 4YC C . -4.50 -8.75 5.18
C15 4YC C . -3.49 -9.46 4.53
C16 4YC C . -3.44 -9.46 3.15
C19 4YC C . -5.37 -8.06 3.06
C21 4YC C . -8.95 -6.58 -2.73
O7 4YC C . -6.14 -7.71 0.32
N8 4YC C . -6.42 -7.28 2.54
C9 4YC C . -7.03 -6.48 3.64
CL1 4YC C . -2.18 -10.35 2.34
C18 4YC C . -4.37 -8.77 2.39
C20 4YC C . -8.59 -6.95 -1.29
N22 4YC C . -7.75 -6.03 -3.41
H23 4YC C . -5.37 -3.84 -2.84
H25 4YC C . -5.42 -5.13 -3.76
H24 4YC C . -6.20 -3.81 -4.20
H26 4YC C . -7.83 -4.14 -2.68
H27 4YC C . -6.50 -4.51 -0.77
H28 4YC C . -6.15 -5.96 -1.28
H30 4YC C . -7.57 -5.21 1.29
H29 4YC C . -8.64 -6.37 1.25
H35 4YC C . -5.76 -6.70 6.74
H33 4YC C . -7.01 -5.78 6.36
H34 4YC C . -5.59 -5.55 5.66
H37 4YC C . -7.42 -8.58 6.23
H36 4YC C . -8.49 -7.55 5.67
H38 4YC C . -7.98 -8.74 4.75
H39 4YC C . -4.53 -8.74 6.12
H40 4YC C . -2.85 -9.93 5.02
H44 4YC C . -9.66 -5.90 -2.72
H45 4YC C . -9.27 -7.36 -3.20
H32 4YC C . -6.68 -5.56 3.63
H31 4YC C . -8.00 -6.45 3.55
H41 4YC C . -4.33 -8.77 1.46
H43 4YC C . -7.95 -7.68 -1.31
H42 4YC C . -9.40 -7.26 -0.83
H47 4YC C . -7.12 -6.69 -3.48
H46 4YC C . -7.98 -5.78 -4.25
#